data_2PJZ
#
_entry.id   2PJZ
#
_cell.length_a   102.094
_cell.length_b   102.094
_cell.length_c   104.662
_cell.angle_alpha   90.00
_cell.angle_beta   90.00
_cell.angle_gamma   120.00
#
_symmetry.space_group_name_H-M   'P 61 2 2'
#
loop_
_entity.id
_entity.type
_entity.pdbx_description
1 polymer 'Hypothetical protein ST1066'
2 non-polymer 'SULFATE ION'
3 water water
#
_entity_poly.entity_id   1
_entity_poly.type   'polypeptide(L)'
_entity_poly.pdbx_seq_one_letter_code
;MIQLKNVGITLSGKGYERFSLENINLEVNGEKVIILGPNGSGKTTLLRAISGLLPYSGNIFINGMEVRKIRNYIRYSTNL
PEAYEIGVTVNDIVYLYEELKGLDRDLFLEMLKALKLGEEILRRKLYKLSAGQSVLVRTSLALASQPEIVGLDEPFENVD
AARRHVISRYIKEYGKEGILVTHELDMLNLYKEYKAYFLVGNRLQGPISVSELLESSIVEGERNDALLVLDIMDKKVSIV
KGDLGMKFGALGSLNRIYGIIGA
;
_entity_poly.pdbx_strand_id   A
#
loop_
_chem_comp.id
_chem_comp.type
_chem_comp.name
_chem_comp.formula
SO4 non-polymer 'SULFATE ION' 'O4 S -2'
#
# COMPACT_ATOMS: atom_id res chain seq x y z
N MET A 1 -0.79 -15.14 4.98
CA MET A 1 -1.60 -15.29 3.72
C MET A 1 -2.71 -14.23 3.69
N ILE A 2 -2.77 -13.46 2.60
CA ILE A 2 -3.91 -12.56 2.36
C ILE A 2 -4.54 -13.04 1.08
N GLN A 3 -5.83 -13.32 1.11
CA GLN A 3 -6.54 -13.75 -0.11
C GLN A 3 -7.68 -12.77 -0.37
N LEU A 4 -7.69 -12.14 -1.55
CA LEU A 4 -8.89 -11.39 -2.01
C LEU A 4 -9.56 -12.26 -3.02
N LYS A 5 -10.80 -12.68 -2.74
N LYS A 5 -10.81 -12.59 -2.72
CA LYS A 5 -11.51 -13.59 -3.67
CA LYS A 5 -11.61 -13.48 -3.53
C LYS A 5 -12.77 -12.95 -4.21
C LYS A 5 -12.76 -12.71 -4.12
N ASN A 6 -12.67 -12.41 -5.42
CA ASN A 6 -13.77 -11.75 -6.14
C ASN A 6 -14.27 -10.53 -5.35
N VAL A 7 -13.36 -9.66 -4.96
CA VAL A 7 -13.70 -8.46 -4.18
C VAL A 7 -14.25 -7.36 -5.09
N GLY A 8 -15.32 -6.70 -4.64
CA GLY A 8 -15.82 -5.52 -5.37
C GLY A 8 -15.98 -4.41 -4.33
N ILE A 9 -15.69 -3.17 -4.71
CA ILE A 9 -15.92 -2.06 -3.80
CA ILE A 9 -15.89 -2.04 -3.80
C ILE A 9 -16.36 -0.85 -4.59
N THR A 10 -17.33 -0.12 -4.06
CA THR A 10 -17.82 1.10 -4.74
C THR A 10 -16.88 2.23 -4.49
N LEU A 11 -16.42 2.87 -5.56
CA LEU A 11 -15.51 4.02 -5.40
C LEU A 11 -16.23 5.33 -5.43
N SER A 12 -17.28 5.44 -6.24
CA SER A 12 -18.06 6.66 -6.25
C SER A 12 -19.51 6.46 -6.64
N GLY A 13 -20.37 7.41 -6.26
CA GLY A 13 -21.74 7.33 -6.72
C GLY A 13 -22.56 6.39 -5.84
N LYS A 14 -23.74 5.99 -6.33
CA LYS A 14 -24.60 5.07 -5.53
C LYS A 14 -25.51 4.28 -6.44
N GLY A 15 -25.92 3.10 -5.99
CA GLY A 15 -26.96 2.34 -6.64
C GLY A 15 -26.65 2.08 -8.11
N TYR A 16 -27.64 2.38 -8.94
CA TYR A 16 -27.55 1.99 -10.33
C TYR A 16 -26.43 2.71 -11.07
N GLU A 17 -26.08 3.89 -10.59
CA GLU A 17 -25.10 4.74 -11.25
C GLU A 17 -23.94 4.94 -10.30
N ARG A 18 -23.11 3.91 -10.20
CA ARG A 18 -21.96 4.00 -9.34
C ARG A 18 -20.77 3.59 -10.16
N PHE A 19 -19.57 3.94 -9.69
CA PHE A 19 -18.37 3.38 -10.29
C PHE A 19 -17.70 2.49 -9.23
N SER A 20 -17.33 1.27 -9.62
CA SER A 20 -16.76 0.34 -8.65
CA SER A 20 -16.83 0.26 -8.68
C SER A 20 -15.59 -0.44 -9.23
N LEU A 21 -14.78 -0.99 -8.34
CA LEU A 21 -13.83 -2.05 -8.67
C LEU A 21 -14.63 -3.35 -8.57
N GLU A 22 -14.43 -4.25 -9.52
CA GLU A 22 -15.11 -5.55 -9.42
C GLU A 22 -14.10 -6.65 -9.73
N ASN A 23 -14.41 -7.86 -9.26
CA ASN A 23 -13.64 -9.06 -9.61
C ASN A 23 -12.14 -8.91 -9.28
N ILE A 24 -11.86 -8.34 -8.11
CA ILE A 24 -10.48 -8.15 -7.70
C ILE A 24 -10.02 -9.44 -7.04
N ASN A 25 -8.97 -10.04 -7.60
CA ASN A 25 -8.42 -11.27 -7.05
C ASN A 25 -6.91 -11.15 -6.78
N LEU A 26 -6.47 -11.60 -5.60
CA LEU A 26 -5.05 -11.51 -5.27
C LEU A 26 -4.74 -12.49 -4.14
N GLU A 27 -3.58 -13.17 -4.19
CA GLU A 27 -3.11 -13.93 -3.02
C GLU A 27 -1.70 -13.49 -2.76
N VAL A 28 -1.42 -13.15 -1.50
CA VAL A 28 -0.10 -12.70 -1.08
C VAL A 28 0.33 -13.58 0.09
N ASN A 29 1.52 -14.16 0.00
CA ASN A 29 2.02 -14.87 1.18
C ASN A 29 3.53 -14.72 1.31
N GLY A 30 3.98 -14.42 2.52
CA GLY A 30 5.39 -14.54 2.88
C GLY A 30 6.26 -13.43 2.33
N GLU A 31 5.65 -12.37 1.81
CA GLU A 31 6.41 -11.29 1.14
C GLU A 31 5.52 -10.05 1.12
N LYS A 32 6.12 -8.87 0.95
CA LYS A 32 5.36 -7.63 0.65
C LYS A 32 5.21 -7.48 -0.84
N VAL A 33 4.04 -7.08 -1.32
CA VAL A 33 3.92 -6.74 -2.73
C VAL A 33 3.50 -5.27 -2.81
N ILE A 34 3.79 -4.65 -3.93
CA ILE A 34 3.43 -3.25 -4.11
C ILE A 34 2.31 -3.15 -5.12
N ILE A 35 1.29 -2.36 -4.82
CA ILE A 35 0.23 -2.18 -5.79
C ILE A 35 0.41 -0.75 -6.26
N LEU A 36 0.58 -0.60 -7.57
CA LEU A 36 0.85 0.71 -8.19
C LEU A 36 -0.39 1.15 -8.90
N GLY A 37 -0.83 2.36 -8.68
CA GLY A 37 -2.02 2.78 -9.41
C GLY A 37 -2.07 4.28 -9.33
N PRO A 38 -2.66 4.93 -10.36
CA PRO A 38 -2.89 6.37 -10.31
C PRO A 38 -3.76 6.78 -9.15
N ASN A 39 -3.65 8.05 -8.78
CA ASN A 39 -4.55 8.62 -7.82
C ASN A 39 -5.96 8.36 -8.34
N GLY A 40 -6.85 7.97 -7.45
CA GLY A 40 -8.24 7.71 -7.85
C GLY A 40 -8.58 6.30 -8.30
N SER A 41 -7.60 5.41 -8.36
CA SER A 41 -7.83 4.09 -8.92
C SER A 41 -8.55 3.14 -7.90
N GLY A 42 -8.57 3.50 -6.63
CA GLY A 42 -9.19 2.67 -5.62
C GLY A 42 -8.20 1.95 -4.70
N LYS A 43 -6.89 2.27 -4.81
CA LYS A 43 -5.85 1.56 -4.03
C LYS A 43 -6.11 1.66 -2.53
N THR A 44 -6.36 2.87 -2.04
CA THR A 44 -6.51 3.11 -0.63
C THR A 44 -7.81 2.44 -0.14
N THR A 45 -8.86 2.52 -0.96
CA THR A 45 -10.12 1.86 -0.66
C THR A 45 -9.93 0.35 -0.50
N LEU A 46 -9.10 -0.24 -1.34
CA LEU A 46 -8.80 -1.67 -1.22
C LEU A 46 -8.12 -2.01 0.11
N LEU A 47 -7.14 -1.19 0.51
CA LEU A 47 -6.50 -1.37 1.80
C LEU A 47 -7.46 -1.18 2.96
N ARG A 48 -8.38 -0.21 2.85
CA ARG A 48 -9.36 -0.01 3.90
CA ARG A 48 -9.39 0.00 3.87
C ARG A 48 -10.24 -1.27 4.07
N ALA A 49 -10.70 -1.85 2.96
CA ALA A 49 -11.48 -3.09 3.01
C ALA A 49 -10.69 -4.24 3.67
N ILE A 50 -9.44 -4.43 3.25
CA ILE A 50 -8.59 -5.49 3.85
C ILE A 50 -8.42 -5.26 5.37
N SER A 51 -8.35 -3.99 5.77
CA SER A 51 -8.14 -3.63 7.20
C SER A 51 -9.41 -3.58 8.04
N GLY A 52 -10.55 -3.95 7.44
CA GLY A 52 -11.78 -4.10 8.23
C GLY A 52 -12.50 -2.75 8.39
N LEU A 53 -12.22 -1.81 7.51
CA LEU A 53 -12.67 -0.41 7.69
C LEU A 53 -13.76 0.02 6.69
N LEU A 54 -14.14 -0.88 5.79
CA LEU A 54 -15.16 -0.54 4.79
C LEU A 54 -15.85 -1.81 4.32
N PRO A 55 -17.15 -1.75 4.00
CA PRO A 55 -17.79 -2.95 3.46
C PRO A 55 -17.32 -3.18 2.01
N TYR A 56 -17.48 -4.41 1.54
CA TYR A 56 -17.02 -4.83 0.22
C TYR A 56 -17.87 -6.04 -0.16
N SER A 57 -17.97 -6.33 -1.45
CA SER A 57 -18.54 -7.61 -1.88
C SER A 57 -17.40 -8.63 -2.05
N GLY A 58 -17.76 -9.91 -2.09
CA GLY A 58 -16.76 -11.00 -2.12
C GLY A 58 -16.16 -11.22 -0.73
N ASN A 59 -14.97 -11.81 -0.70
CA ASN A 59 -14.38 -12.27 0.56
C ASN A 59 -12.93 -11.92 0.62
N ILE A 60 -12.44 -11.59 1.81
CA ILE A 60 -11.02 -11.31 2.04
C ILE A 60 -10.63 -12.15 3.24
N PHE A 61 -9.59 -12.97 3.08
CA PHE A 61 -9.13 -13.85 4.18
C PHE A 61 -7.72 -13.50 4.61
N ILE A 62 -7.52 -13.31 5.91
CA ILE A 62 -6.17 -13.13 6.46
C ILE A 62 -5.88 -14.34 7.33
N ASN A 63 -4.92 -15.16 6.91
CA ASN A 63 -4.64 -16.43 7.58
C ASN A 63 -5.92 -17.24 7.79
N GLY A 64 -6.74 -17.29 6.72
CA GLY A 64 -7.95 -18.10 6.67
C GLY A 64 -9.14 -17.50 7.42
N MET A 65 -8.94 -16.35 8.08
CA MET A 65 -10.01 -15.63 8.79
CA MET A 65 -10.01 -15.64 8.78
C MET A 65 -10.61 -14.59 7.84
N GLU A 66 -11.89 -14.75 7.47
CA GLU A 66 -12.55 -13.76 6.65
C GLU A 66 -12.63 -12.43 7.42
N VAL A 67 -12.42 -11.34 6.72
CA VAL A 67 -12.26 -10.05 7.40
C VAL A 67 -13.48 -9.66 8.24
N ARG A 68 -14.68 -10.09 7.82
CA ARG A 68 -15.88 -9.82 8.64
C ARG A 68 -15.85 -10.51 10.01
N LYS A 69 -14.97 -11.50 10.15
CA LYS A 69 -14.84 -12.30 11.37
C LYS A 69 -13.68 -11.79 12.21
N ILE A 70 -13.12 -10.61 11.86
CA ILE A 70 -12.00 -10.07 12.62
C ILE A 70 -12.33 -8.73 13.26
N ARG A 71 -12.38 -8.68 14.57
CA ARG A 71 -12.46 -7.38 15.24
CA ARG A 71 -12.47 -7.39 15.24
C ARG A 71 -11.05 -6.83 15.46
N ASN A 72 -10.15 -7.67 15.95
CA ASN A 72 -8.74 -7.28 16.00
C ASN A 72 -7.90 -8.50 15.81
N TYR A 73 -6.80 -8.34 15.05
CA TYR A 73 -5.83 -9.41 14.90
C TYR A 73 -4.48 -8.80 15.25
N ILE A 74 -3.89 -9.26 16.35
CA ILE A 74 -2.65 -8.62 16.86
CA ILE A 74 -2.66 -8.65 16.89
C ILE A 74 -1.49 -8.64 15.91
N ARG A 75 -1.47 -9.64 15.02
CA ARG A 75 -0.38 -9.79 14.04
C ARG A 75 -0.49 -8.98 12.76
N TYR A 76 -1.60 -8.27 12.60
CA TYR A 76 -1.80 -7.38 11.44
C TYR A 76 -1.72 -5.93 11.88
N SER A 77 -1.07 -5.09 11.06
CA SER A 77 -1.03 -3.66 11.27
C SER A 77 -1.30 -2.90 9.99
N THR A 78 -1.84 -1.69 10.12
CA THR A 78 -1.94 -0.77 8.98
C THR A 78 -1.53 0.63 9.48
N ASN A 79 -1.03 1.43 8.56
CA ASN A 79 -0.77 2.86 8.86
C ASN A 79 -1.92 3.75 8.45
N LEU A 80 -3.06 3.16 8.05
CA LEU A 80 -4.20 3.99 7.58
C LEU A 80 -4.67 4.93 8.69
N PRO A 81 -5.00 6.19 8.32
CA PRO A 81 -5.35 7.17 9.36
C PRO A 81 -6.55 6.72 10.20
N GLU A 82 -7.47 5.97 9.59
CA GLU A 82 -8.67 5.44 10.27
C GLU A 82 -8.34 4.57 11.50
N ALA A 83 -7.15 3.99 11.52
CA ALA A 83 -6.70 3.13 12.65
C ALA A 83 -6.23 3.94 13.88
N TYR A 84 -6.11 5.25 13.73
CA TYR A 84 -5.49 6.09 14.76
C TYR A 84 -6.36 7.29 15.07
N GLU A 85 -6.34 7.71 16.32
CA GLU A 85 -7.27 8.75 16.77
C GLU A 85 -6.59 10.09 16.65
N ILE A 86 -6.97 10.83 15.62
CA ILE A 86 -6.32 12.06 15.27
C ILE A 86 -6.32 12.99 16.50
N GLY A 87 -7.40 12.93 17.28
CA GLY A 87 -7.64 13.83 18.42
C GLY A 87 -6.73 13.74 19.64
N VAL A 88 -6.35 12.52 20.05
CA VAL A 88 -5.44 12.35 21.20
C VAL A 88 -3.96 12.50 20.84
N THR A 89 -3.12 12.53 21.87
CA THR A 89 -1.70 12.67 21.65
CA THR A 89 -1.68 12.65 21.67
C THR A 89 -1.09 11.38 21.05
N VAL A 90 0.08 11.52 20.42
CA VAL A 90 0.83 10.37 19.91
C VAL A 90 1.14 9.40 21.06
N ASN A 91 1.56 9.94 22.20
CA ASN A 91 1.88 9.10 23.34
C ASN A 91 0.68 8.27 23.77
N ASP A 92 -0.51 8.86 23.71
CA ASP A 92 -1.74 8.16 24.05
C ASP A 92 -1.95 7.00 23.08
N ILE A 93 -1.67 7.26 21.80
CA ILE A 93 -1.83 6.23 20.76
C ILE A 93 -0.83 5.11 20.99
N VAL A 94 0.40 5.48 21.33
CA VAL A 94 1.43 4.48 21.66
C VAL A 94 0.94 3.53 22.76
N TYR A 95 0.40 4.08 23.85
CA TYR A 95 -0.18 3.22 24.91
C TYR A 95 -1.29 2.27 24.42
N LEU A 96 -2.24 2.78 23.64
CA LEU A 96 -3.26 1.88 23.06
C LEU A 96 -2.64 0.76 22.23
N TYR A 97 -1.70 1.12 21.34
CA TYR A 97 -1.12 0.13 20.43
C TYR A 97 -0.20 -0.89 21.11
N GLU A 98 0.38 -0.50 22.25
CA GLU A 98 1.13 -1.45 23.08
C GLU A 98 0.27 -2.66 23.45
N GLU A 99 -1.00 -2.41 23.76
CA GLU A 99 -1.95 -3.49 24.09
C GLU A 99 -2.64 -4.10 22.87
N LEU A 100 -3.11 -3.24 21.97
CA LEU A 100 -3.91 -3.67 20.82
C LEU A 100 -3.12 -4.54 19.85
N LYS A 101 -1.85 -4.18 19.63
CA LYS A 101 -1.02 -4.87 18.66
C LYS A 101 0.28 -5.40 19.25
N GLY A 102 0.48 -5.20 20.55
CA GLY A 102 1.81 -5.56 21.13
C GLY A 102 2.93 -4.65 20.65
N LEU A 103 2.61 -3.38 20.41
CA LEU A 103 3.65 -2.41 20.01
C LEU A 103 4.74 -2.33 21.10
N ASP A 104 5.99 -2.27 20.65
CA ASP A 104 7.16 -2.14 21.52
C ASP A 104 7.55 -0.66 21.57
N ARG A 105 7.35 -0.01 22.73
CA ARG A 105 7.59 1.42 22.85
C ARG A 105 9.02 1.78 22.51
N ASP A 106 9.98 0.97 22.97
CA ASP A 106 11.40 1.27 22.72
C ASP A 106 11.70 1.28 21.22
N LEU A 107 11.16 0.29 20.50
CA LEU A 107 11.35 0.21 19.04
C LEU A 107 10.70 1.41 18.38
N PHE A 108 9.48 1.75 18.80
CA PHE A 108 8.83 2.97 18.27
C PHE A 108 9.70 4.24 18.47
N LEU A 109 10.25 4.39 19.67
CA LEU A 109 11.10 5.54 19.98
C LEU A 109 12.37 5.53 19.16
N GLU A 110 12.91 4.34 18.94
CA GLU A 110 14.08 4.16 18.07
C GLU A 110 13.82 4.64 16.64
N MET A 111 12.66 4.28 16.08
CA MET A 111 12.23 4.78 14.77
C MET A 111 12.07 6.29 14.75
N LEU A 112 11.41 6.86 15.76
CA LEU A 112 11.22 8.33 15.79
C LEU A 112 12.59 9.04 15.80
N LYS A 113 13.50 8.53 16.63
CA LYS A 113 14.86 9.07 16.72
C LYS A 113 15.65 8.95 15.39
N ALA A 114 15.62 7.77 14.75
CA ALA A 114 16.20 7.62 13.42
C ALA A 114 15.61 8.59 12.39
N LEU A 115 14.33 8.93 12.54
CA LEU A 115 13.61 9.84 11.63
C LEU A 115 13.83 11.32 11.97
N LYS A 116 14.64 11.56 13.00
CA LYS A 116 14.88 12.92 13.51
C LYS A 116 13.56 13.67 13.69
N LEU A 117 12.61 13.00 14.33
CA LEU A 117 11.38 13.58 14.79
C LEU A 117 11.55 13.62 16.30
N GLY A 118 11.41 14.82 16.86
CA GLY A 118 11.78 15.10 18.24
C GLY A 118 10.98 14.36 19.29
N GLU A 119 11.58 14.23 20.47
CA GLU A 119 10.97 13.61 21.65
C GLU A 119 9.61 14.23 21.98
N GLU A 120 9.48 15.52 21.65
CA GLU A 120 8.29 16.31 21.90
C GLU A 120 7.10 15.89 21.03
N ILE A 121 7.39 15.17 19.93
CA ILE A 121 6.34 14.71 19.02
C ILE A 121 5.35 13.79 19.75
N LEU A 122 5.83 13.09 20.78
CA LEU A 122 4.98 12.23 21.63
C LEU A 122 3.85 13.01 22.27
N ARG A 123 4.20 14.20 22.73
CA ARG A 123 3.30 15.06 23.48
C ARG A 123 2.28 15.75 22.58
N ARG A 124 2.54 15.72 21.28
CA ARG A 124 1.67 16.36 20.29
C ARG A 124 0.44 15.53 19.94
N LYS A 125 -0.68 16.20 19.68
CA LYS A 125 -1.87 15.54 19.18
C LYS A 125 -1.65 15.14 17.71
N LEU A 126 -2.14 13.95 17.34
CA LEU A 126 -1.89 13.40 15.99
C LEU A 126 -2.43 14.29 14.87
N TYR A 127 -3.67 14.75 15.02
CA TYR A 127 -4.33 15.64 14.04
C TYR A 127 -3.49 16.87 13.68
N LYS A 128 -2.63 17.27 14.61
CA LYS A 128 -1.92 18.54 14.54
C LYS A 128 -0.63 18.37 13.75
N LEU A 129 -0.27 17.13 13.43
CA LEU A 129 0.96 16.87 12.69
C LEU A 129 0.80 17.20 11.21
N SER A 130 1.90 17.60 10.59
CA SER A 130 1.95 17.79 9.15
C SER A 130 1.70 16.46 8.42
N ALA A 131 1.43 16.51 7.13
CA ALA A 131 1.19 15.30 6.34
C ALA A 131 2.37 14.32 6.40
N GLY A 132 3.59 14.83 6.16
CA GLY A 132 4.80 14.02 6.24
C GLY A 132 5.01 13.43 7.63
N GLN A 133 4.87 14.26 8.64
CA GLN A 133 4.99 13.79 10.04
C GLN A 133 3.93 12.74 10.43
N SER A 134 2.68 12.99 10.05
CA SER A 134 1.55 12.10 10.32
C SER A 134 1.78 10.69 9.74
N VAL A 135 2.14 10.62 8.44
CA VAL A 135 2.42 9.32 7.81
C VAL A 135 3.64 8.63 8.40
N LEU A 136 4.68 9.39 8.74
CA LEU A 136 5.84 8.76 9.36
C LEU A 136 5.50 8.17 10.70
N VAL A 137 4.73 8.92 11.50
CA VAL A 137 4.30 8.43 12.82
C VAL A 137 3.40 7.18 12.66
N ARG A 138 2.43 7.26 11.74
CA ARG A 138 1.51 6.14 11.52
C ARG A 138 2.20 4.87 10.98
N THR A 139 3.13 5.04 10.07
CA THR A 139 3.92 3.91 9.58
C THR A 139 4.78 3.32 10.72
N SER A 140 5.37 4.18 11.53
CA SER A 140 6.17 3.75 12.66
C SER A 140 5.31 2.98 13.68
N LEU A 141 4.12 3.50 13.99
CA LEU A 141 3.18 2.76 14.85
C LEU A 141 2.83 1.36 14.29
N ALA A 142 2.55 1.30 12.99
CA ALA A 142 2.24 0.02 12.34
C ALA A 142 3.40 -0.98 12.50
N LEU A 143 4.64 -0.50 12.29
CA LEU A 143 5.80 -1.40 12.27
C LEU A 143 6.35 -1.76 13.63
N ALA A 144 6.12 -0.89 14.62
CA ALA A 144 6.75 -1.11 15.93
C ALA A 144 6.09 -2.25 16.72
N SER A 145 4.94 -2.74 16.25
CA SER A 145 4.40 -3.97 16.78
C SER A 145 4.97 -5.26 16.14
N GLN A 146 5.94 -5.12 15.26
CA GLN A 146 6.51 -6.25 14.55
C GLN A 146 5.39 -7.16 13.95
N PRO A 147 4.53 -6.56 13.11
CA PRO A 147 3.43 -7.32 12.52
C PRO A 147 3.96 -8.41 11.62
N GLU A 148 3.24 -9.52 11.56
CA GLU A 148 3.51 -10.49 10.52
C GLU A 148 2.97 -10.03 9.15
N ILE A 149 1.91 -9.22 9.19
CA ILE A 149 1.20 -8.85 7.96
C ILE A 149 0.91 -7.37 8.09
N VAL A 150 1.21 -6.60 7.04
CA VAL A 150 1.01 -5.14 7.12
C VAL A 150 0.30 -4.59 5.83
N GLY A 151 -0.58 -3.59 5.99
CA GLY A 151 -1.17 -2.89 4.85
C GLY A 151 -0.69 -1.47 4.96
N LEU A 152 0.15 -1.06 4.02
CA LEU A 152 0.72 0.27 4.11
C LEU A 152 0.22 1.16 2.98
N ASP A 153 -0.43 2.26 3.35
CA ASP A 153 -0.90 3.24 2.36
C ASP A 153 0.13 4.38 2.18
N GLU A 154 0.57 4.60 0.95
CA GLU A 154 1.39 5.78 0.57
C GLU A 154 2.37 6.21 1.64
N PRO A 155 3.30 5.32 2.04
CA PRO A 155 4.12 5.67 3.21
C PRO A 155 5.17 6.78 2.91
N PHE A 156 5.28 7.19 1.65
CA PHE A 156 6.36 8.09 1.24
C PHE A 156 5.85 9.45 0.79
N GLU A 157 4.54 9.60 0.71
CA GLU A 157 3.96 10.82 0.17
C GLU A 157 4.15 11.96 1.17
N ASN A 158 4.61 13.12 0.70
CA ASN A 158 4.86 14.28 1.59
C ASN A 158 6.04 14.06 2.57
N VAL A 159 6.86 13.06 2.30
CA VAL A 159 8.01 12.75 3.13
C VAL A 159 9.30 13.13 2.36
N ASP A 160 10.19 13.89 3.01
CA ASP A 160 11.42 14.36 2.34
C ASP A 160 12.31 13.15 2.02
N ALA A 161 13.23 13.32 1.06
CA ALA A 161 14.06 12.20 0.61
C ALA A 161 14.80 11.43 1.70
N ALA A 162 15.43 12.15 2.64
CA ALA A 162 16.19 11.51 3.70
C ALA A 162 15.33 10.61 4.58
N ARG A 163 14.18 11.13 5.00
CA ARG A 163 13.26 10.37 5.84
C ARG A 163 12.57 9.22 5.07
N ARG A 164 12.42 9.38 3.76
CA ARG A 164 11.95 8.28 2.92
C ARG A 164 12.89 7.08 2.99
N HIS A 165 14.19 7.36 2.96
CA HIS A 165 15.19 6.33 3.08
C HIS A 165 15.23 5.67 4.44
N VAL A 166 15.05 6.46 5.48
CA VAL A 166 14.97 5.93 6.85
C VAL A 166 13.75 5.00 7.03
N ILE A 167 12.57 5.48 6.62
CA ILE A 167 11.36 4.68 6.79
C ILE A 167 11.36 3.43 5.90
N SER A 168 11.99 3.52 4.72
CA SER A 168 12.10 2.38 3.81
CA SER A 168 12.10 2.38 3.82
C SER A 168 12.92 1.26 4.44
N ARG A 169 13.96 1.63 5.17
CA ARG A 169 14.79 0.66 5.89
C ARG A 169 13.91 -0.10 6.90
N TYR A 170 13.03 0.60 7.60
CA TYR A 170 12.14 -0.07 8.57
C TYR A 170 11.03 -0.91 7.90
N ILE A 171 10.50 -0.38 6.80
CA ILE A 171 9.49 -1.08 6.00
C ILE A 171 10.08 -2.41 5.53
N LYS A 172 11.34 -2.41 5.13
CA LYS A 172 11.97 -3.61 4.61
C LYS A 172 12.31 -4.61 5.72
N GLU A 173 12.61 -4.10 6.91
CA GLU A 173 13.01 -4.94 8.04
C GLU A 173 11.83 -5.55 8.79
N TYR A 174 10.74 -4.80 8.91
CA TYR A 174 9.58 -5.24 9.69
C TYR A 174 8.35 -5.56 8.81
N GLY A 175 7.43 -6.37 9.35
CA GLY A 175 6.29 -6.91 8.57
C GLY A 175 6.68 -7.71 7.32
N LYS A 176 7.03 -8.98 7.48
CA LYS A 176 7.47 -9.74 6.33
C LYS A 176 6.46 -9.83 5.20
N GLU A 177 5.17 -9.93 5.51
CA GLU A 177 4.16 -10.12 4.47
C GLU A 177 3.27 -8.86 4.45
N GLY A 178 2.77 -8.52 3.28
CA GLY A 178 1.74 -7.48 3.24
C GLY A 178 1.66 -6.77 1.93
N ILE A 179 1.04 -5.60 1.95
CA ILE A 179 0.73 -4.88 0.72
C ILE A 179 1.09 -3.45 0.98
N LEU A 180 1.84 -2.85 0.05
CA LEU A 180 2.20 -1.45 0.14
C LEU A 180 1.55 -0.81 -1.09
N VAL A 181 0.76 0.25 -0.90
CA VAL A 181 0.17 0.90 -2.06
C VAL A 181 0.75 2.30 -2.28
N THR A 182 0.95 2.65 -3.56
CA THR A 182 1.54 3.95 -3.90
C THR A 182 1.29 4.35 -5.34
N HIS A 183 1.26 5.67 -5.56
CA HIS A 183 1.18 6.21 -6.93
C HIS A 183 2.58 6.74 -7.36
N GLU A 184 3.51 6.76 -6.41
CA GLU A 184 4.83 7.37 -6.58
C GLU A 184 5.89 6.43 -7.15
N LEU A 185 6.41 6.75 -8.32
CA LEU A 185 7.31 5.86 -9.03
C LEU A 185 8.76 6.07 -8.61
N ASP A 186 9.06 7.23 -8.02
CA ASP A 186 10.42 7.58 -7.63
C ASP A 186 10.95 6.76 -6.45
N MET A 187 10.08 5.96 -5.84
CA MET A 187 10.48 5.16 -4.71
C MET A 187 10.80 3.70 -5.05
N LEU A 188 10.47 3.29 -6.26
CA LEU A 188 10.60 1.88 -6.65
C LEU A 188 12.04 1.35 -6.66
N ASN A 189 13.02 2.27 -6.83
CA ASN A 189 14.42 1.89 -6.91
C ASN A 189 14.93 1.31 -5.60
N LEU A 190 14.19 1.55 -4.53
CA LEU A 190 14.54 0.96 -3.23
C LEU A 190 13.83 -0.39 -3.01
N TYR A 191 13.01 -0.79 -3.98
CA TYR A 191 12.18 -1.99 -3.80
C TYR A 191 12.32 -3.00 -4.92
N LYS A 192 13.54 -3.10 -5.48
CA LYS A 192 13.83 -3.98 -6.63
C LYS A 192 13.56 -5.43 -6.35
N GLU A 193 13.75 -5.85 -5.10
CA GLU A 193 13.56 -7.27 -4.77
C GLU A 193 12.09 -7.64 -4.57
N TYR A 194 11.20 -6.65 -4.75
CA TYR A 194 9.76 -6.85 -4.45
C TYR A 194 8.97 -7.08 -5.70
N LYS A 195 7.78 -7.68 -5.59
CA LYS A 195 6.88 -7.84 -6.70
C LYS A 195 5.87 -6.68 -6.68
N ALA A 196 5.48 -6.27 -7.87
CA ALA A 196 4.43 -5.26 -8.09
C ALA A 196 3.22 -5.74 -8.92
N TYR A 197 2.08 -5.14 -8.61
CA TYR A 197 0.87 -5.25 -9.39
C TYR A 197 0.44 -3.83 -9.78
N PHE A 198 -0.20 -3.69 -10.93
CA PHE A 198 -0.82 -2.45 -11.35
C PHE A 198 -2.34 -2.52 -11.12
N LEU A 199 -2.91 -1.49 -10.51
CA LEU A 199 -4.38 -1.38 -10.48
C LEU A 199 -4.73 -0.47 -11.66
N VAL A 200 -5.09 -1.09 -12.79
CA VAL A 200 -5.53 -0.41 -14.05
C VAL A 200 -6.43 -1.32 -14.85
N GLY A 201 -7.22 -0.77 -15.77
CA GLY A 201 -8.11 -1.61 -16.58
C GLY A 201 -9.16 -2.24 -15.70
N ASN A 202 -9.52 -1.49 -14.65
CA ASN A 202 -10.50 -1.98 -13.69
C ASN A 202 -10.09 -3.37 -13.17
N ARG A 203 -8.77 -3.62 -13.07
CA ARG A 203 -8.24 -4.94 -12.68
C ARG A 203 -6.92 -4.82 -11.88
N LEU A 204 -6.59 -5.82 -11.08
CA LEU A 204 -5.27 -5.90 -10.47
C LEU A 204 -4.39 -6.78 -11.36
N GLN A 205 -3.37 -6.20 -11.98
CA GLN A 205 -2.60 -6.93 -13.00
C GLN A 205 -1.11 -7.11 -12.65
N GLY A 206 -0.62 -8.34 -12.81
CA GLY A 206 0.73 -8.67 -12.37
C GLY A 206 0.75 -10.12 -11.95
N PRO A 207 1.79 -10.55 -11.22
CA PRO A 207 2.86 -9.75 -10.67
C PRO A 207 4.00 -9.45 -11.69
N ILE A 208 4.81 -8.45 -11.39
CA ILE A 208 6.06 -8.23 -12.13
C ILE A 208 7.16 -7.87 -11.15
N SER A 209 8.37 -8.37 -11.38
CA SER A 209 9.49 -7.97 -10.53
C SER A 209 9.71 -6.46 -10.65
N VAL A 210 9.87 -5.77 -9.53
CA VAL A 210 10.19 -4.34 -9.58
C VAL A 210 11.59 -4.14 -10.22
N SER A 211 12.51 -5.05 -9.92
CA SER A 211 13.86 -4.99 -10.54
C SER A 211 13.72 -4.94 -12.04
N GLU A 212 12.89 -5.81 -12.60
CA GLU A 212 12.71 -5.90 -14.03
C GLU A 212 11.90 -4.72 -14.59
N LEU A 213 10.87 -4.33 -13.84
CA LEU A 213 10.10 -3.12 -14.19
C LEU A 213 10.99 -1.90 -14.36
N LEU A 214 11.88 -1.65 -13.40
CA LEU A 214 12.70 -0.44 -13.35
C LEU A 214 13.63 -0.27 -14.54
N GLU A 215 13.91 -1.38 -15.24
CA GLU A 215 14.77 -1.39 -16.40
C GLU A 215 14.00 -1.76 -17.66
N SER A 216 12.67 -1.71 -17.57
CA SER A 216 11.82 -2.08 -18.70
C SER A 216 11.41 -0.89 -19.54
N SER A 217 10.76 -1.18 -20.66
CA SER A 217 10.14 -0.15 -21.49
C SER A 217 8.67 -0.43 -21.58
N ILE A 218 7.87 0.59 -21.81
CA ILE A 218 6.44 0.38 -21.92
C ILE A 218 5.94 0.76 -23.32
N VAL A 219 5.22 -0.15 -23.97
CA VAL A 219 4.74 0.07 -25.34
C VAL A 219 3.29 -0.32 -25.57
N GLU A 220 2.62 0.36 -26.49
CA GLU A 220 1.30 -0.03 -26.96
C GLU A 220 1.38 -1.37 -27.66
N GLY A 221 0.33 -2.18 -27.52
CA GLY A 221 0.23 -3.48 -28.18
C GLY A 221 0.67 -4.65 -27.32
N GLU A 222 0.27 -5.85 -27.71
CA GLU A 222 0.73 -7.08 -27.08
C GLU A 222 2.01 -7.64 -27.71
N ARG A 223 3.15 -7.48 -27.03
CA ARG A 223 4.45 -7.97 -27.50
C ARG A 223 4.76 -9.37 -27.01
N ASN A 224 5.49 -10.14 -27.81
CA ASN A 224 5.71 -11.57 -27.56
C ASN A 224 6.49 -11.95 -26.29
N ASP A 225 7.61 -11.29 -26.03
CA ASP A 225 8.42 -11.65 -24.87
C ASP A 225 8.19 -10.70 -23.69
N ALA A 226 6.99 -10.14 -23.60
CA ALA A 226 6.69 -9.12 -22.57
C ALA A 226 6.79 -9.65 -21.14
N LEU A 227 7.34 -8.86 -20.23
CA LEU A 227 7.35 -9.24 -18.81
C LEU A 227 5.92 -9.23 -18.26
N LEU A 228 5.11 -8.30 -18.75
CA LEU A 228 3.70 -8.23 -18.36
C LEU A 228 2.91 -7.51 -19.42
N VAL A 229 1.74 -8.04 -19.78
CA VAL A 229 0.82 -7.36 -20.69
C VAL A 229 -0.39 -6.83 -19.92
N LEU A 230 -0.59 -5.51 -19.97
CA LEU A 230 -1.75 -4.88 -19.31
C LEU A 230 -2.90 -4.69 -20.28
N ASP A 231 -4.09 -5.12 -19.87
CA ASP A 231 -5.36 -4.82 -20.58
C ASP A 231 -5.99 -3.52 -20.07
N ILE A 232 -6.19 -2.53 -20.96
CA ILE A 232 -6.66 -1.16 -20.60
C ILE A 232 -7.64 -0.54 -21.63
N MET A 233 -8.79 -0.05 -21.15
CA MET A 233 -10.04 0.15 -21.96
C MET A 233 -10.26 -1.05 -22.88
N ASP A 234 -9.71 -1.01 -24.09
CA ASP A 234 -9.72 -2.22 -24.91
C ASP A 234 -8.32 -2.67 -25.32
N LYS A 235 -7.39 -1.73 -25.35
CA LYS A 235 -6.04 -1.95 -25.82
C LYS A 235 -5.16 -2.81 -24.90
N LYS A 236 -3.96 -3.08 -25.37
CA LYS A 236 -2.99 -3.82 -24.60
C LYS A 236 -1.76 -2.96 -24.53
N VAL A 237 -1.12 -2.96 -23.37
CA VAL A 237 0.10 -2.22 -23.14
C VAL A 237 1.12 -3.20 -22.60
N SER A 238 2.24 -3.34 -23.30
CA SER A 238 3.25 -4.31 -22.92
C SER A 238 4.40 -3.67 -22.19
N ILE A 239 4.80 -4.34 -21.10
CA ILE A 239 6.02 -4.00 -20.39
C ILE A 239 7.08 -5.02 -20.86
N VAL A 240 8.10 -4.48 -21.54
CA VAL A 240 9.14 -5.28 -22.21
C VAL A 240 10.55 -5.00 -21.67
N LYS A 241 11.37 -6.04 -21.59
CA LYS A 241 12.73 -5.92 -21.10
C LYS A 241 13.61 -5.27 -22.18
N GLY A 242 14.44 -4.32 -21.80
CA GLY A 242 15.24 -3.60 -22.79
C GLY A 242 14.42 -2.64 -23.66
N ASP A 243 14.95 -2.31 -24.84
CA ASP A 243 14.60 -1.04 -25.53
C ASP A 243 13.58 -1.09 -26.67
N LEU A 244 12.36 -1.53 -26.39
CA LEU A 244 11.32 -1.47 -27.41
C LEU A 244 10.53 -0.14 -27.44
N GLY A 245 10.89 0.79 -26.55
CA GLY A 245 10.07 2.00 -26.32
C GLY A 245 10.57 2.91 -25.22
N MET A 246 9.68 3.68 -24.61
CA MET A 246 10.11 4.60 -23.56
C MET A 246 10.33 3.85 -22.24
N LYS A 247 11.34 4.30 -21.49
CA LYS A 247 11.73 3.68 -20.24
C LYS A 247 10.66 3.88 -19.17
N PHE A 248 10.27 2.79 -18.54
CA PHE A 248 9.31 2.88 -17.44
C PHE A 248 9.86 3.79 -16.36
N GLY A 249 11.17 3.69 -16.13
CA GLY A 249 11.89 4.55 -15.19
C GLY A 249 11.80 6.05 -15.44
N ALA A 250 11.42 6.45 -16.65
CA ALA A 250 11.34 7.86 -16.94
C ALA A 250 9.90 8.34 -16.98
N LEU A 251 8.97 7.43 -16.69
CA LEU A 251 7.53 7.69 -16.87
C LEU A 251 7.04 8.91 -16.10
N GLY A 252 7.50 9.09 -14.88
CA GLY A 252 7.11 10.27 -14.13
C GLY A 252 5.78 10.06 -13.43
N SER A 253 4.75 9.66 -14.17
CA SER A 253 3.41 9.49 -13.61
C SER A 253 2.70 8.30 -14.22
N LEU A 254 2.01 7.52 -13.39
CA LEU A 254 1.24 6.36 -13.88
C LEU A 254 0.12 6.73 -14.83
N ASN A 255 -0.39 7.97 -14.73
CA ASN A 255 -1.45 8.36 -15.64
CA ASN A 255 -1.40 8.49 -15.66
C ASN A 255 -0.95 8.36 -17.10
N ARG A 256 0.36 8.42 -17.28
CA ARG A 256 0.92 8.39 -18.61
C ARG A 256 0.81 7.04 -19.32
N ILE A 257 0.48 5.99 -18.56
CA ILE A 257 0.11 4.72 -19.17
C ILE A 257 -1.12 4.88 -20.08
N TYR A 258 -2.08 5.68 -19.66
CA TYR A 258 -3.25 5.95 -20.48
C TYR A 258 -2.85 6.78 -21.71
N GLY A 259 -1.96 7.73 -21.47
CA GLY A 259 -1.48 8.66 -22.49
C GLY A 259 -0.68 8.00 -23.59
N ILE A 260 0.31 7.17 -23.23
CA ILE A 260 1.09 6.52 -24.29
C ILE A 260 0.16 5.80 -25.29
N ILE A 261 -1.04 5.42 -24.87
CA ILE A 261 -2.00 4.76 -25.77
C ILE A 261 -3.09 5.71 -26.31
S SO4 B . -15.30 -19.44 6.46
O1 SO4 B . -15.86 -19.40 5.11
O2 SO4 B . -15.13 -18.04 6.96
O3 SO4 B . -16.16 -20.19 7.40
O4 SO4 B . -14.03 -20.12 6.40
S SO4 C . -6.33 5.83 -4.77
O1 SO4 C . -7.81 5.82 -4.84
O2 SO4 C . -5.94 5.50 -3.40
O3 SO4 C . -5.71 4.88 -5.67
O4 SO4 C . -5.83 7.18 -5.00
S SO4 D . -31.92 10.50 -5.36
O1 SO4 D . -32.76 11.55 -5.95
O2 SO4 D . -31.25 11.01 -4.15
O3 SO4 D . -32.75 9.34 -5.06
O4 SO4 D . -30.90 10.14 -6.37
S SO4 E . 3.37 20.81 4.45
O1 SO4 E . 2.11 21.50 4.30
O2 SO4 E . 3.84 20.87 5.83
O3 SO4 E . 3.18 19.44 3.99
O4 SO4 E . 4.38 21.46 3.60
S SO4 F . -20.09 -4.02 -4.87
O1 SO4 F . -19.90 -2.80 -5.79
O2 SO4 F . -21.48 -4.36 -4.33
O3 SO4 F . -19.66 -5.23 -5.61
O4 SO4 F . -19.16 -3.82 -3.75
#